data_4QKW
#
_entry.id   4QKW
#
_cell.length_a   114.861
_cell.length_b   31.961
_cell.length_c   84.764
_cell.angle_alpha   90.00
_cell.angle_beta   94.46
_cell.angle_gamma   90.00
#
_symmetry.space_group_name_H-M   'C 1 2 1'
#
loop_
_entity.id
_entity.type
_entity.pdbx_description
1 polymer 'Muscle-related coiled-coil protein'
2 non-polymer 'CHLORIDE ION'
3 water water
#
_entity_poly.entity_id   1
_entity_poly.type   'polypeptide(L)'
_entity_poly.pdbx_seq_one_letter_code
;GQPVSALSILSLLERVSTIIDGVQASQQRMEERQQQLEGSVSAVQSELLKLARDHGATATTVDKLLQKARRVSTHVKEVR
SRVEKQNVRVKKVETTQDELLTRNKFRV
;
_entity_poly.pdbx_strand_id   A,B,C
#
loop_
_chem_comp.id
_chem_comp.type
_chem_comp.name
_chem_comp.formula
CL non-polymer 'CHLORIDE ION' 'Cl -1'
#
# COMPACT_ATOMS: atom_id res chain seq x y z
N PRO A 3 -5.97 51.50 53.99
CA PRO A 3 -6.81 50.36 53.62
C PRO A 3 -6.05 49.41 52.71
N VAL A 4 -5.49 49.95 51.63
CA VAL A 4 -4.66 49.18 50.72
C VAL A 4 -3.22 49.70 50.76
N SER A 5 -2.37 49.01 51.50
CA SER A 5 -0.97 49.40 51.63
C SER A 5 -0.14 49.00 50.42
N ALA A 6 0.96 49.70 50.21
CA ALA A 6 1.91 49.34 49.16
C ALA A 6 2.37 47.90 49.38
N LEU A 7 2.54 47.54 50.65
CA LEU A 7 2.98 46.21 51.02
C LEU A 7 1.96 45.13 50.67
N SER A 8 0.67 45.41 50.88
CA SER A 8 -0.37 44.47 50.48
C SER A 8 -0.38 44.28 48.95
N ILE A 9 -0.19 45.37 48.21
CA ILE A 9 -0.07 45.30 46.76
C ILE A 9 1.14 44.46 46.34
N LEU A 10 2.27 44.70 46.99
CA LEU A 10 3.49 43.94 46.76
C LEU A 10 3.23 42.44 46.96
N SER A 11 2.47 42.12 47.99
CA SER A 11 2.11 40.74 48.31
C SER A 11 1.31 40.09 47.18
N LEU A 12 0.38 40.86 46.61
CA LEU A 12 -0.42 40.39 45.50
C LEU A 12 0.45 40.17 44.27
N LEU A 13 1.40 41.06 44.07
CA LEU A 13 2.30 40.99 42.92
C LEU A 13 3.17 39.74 42.98
N GLU A 14 3.70 39.45 44.16
CA GLU A 14 4.56 38.28 44.32
C GLU A 14 3.72 37.02 44.13
N ARG A 15 2.46 37.11 44.55
CA ARG A 15 1.50 36.03 44.39
C ARG A 15 1.20 35.79 42.90
N VAL A 16 0.91 36.86 42.17
CA VAL A 16 0.68 36.78 40.73
C VAL A 16 1.93 36.31 39.98
N SER A 17 3.08 36.84 40.35
CA SER A 17 4.34 36.41 39.71
C SER A 17 4.58 34.91 39.87
N THR A 18 4.27 34.37 41.05
CA THR A 18 4.47 32.94 41.31
C THR A 18 3.57 32.07 40.42
N ILE A 19 2.33 32.51 40.22
CA ILE A 19 1.39 31.80 39.35
C ILE A 19 1.87 31.83 37.90
N ILE A 20 2.33 32.99 37.45
CA ILE A 20 2.80 33.15 36.08
C ILE A 20 4.04 32.27 35.84
N ASP A 21 4.90 32.15 36.84
CA ASP A 21 6.05 31.24 36.71
C ASP A 21 5.59 29.83 36.39
N GLY A 22 4.54 29.39 37.09
CA GLY A 22 3.99 28.06 36.88
C GLY A 22 3.33 27.90 35.53
N VAL A 23 2.58 28.91 35.12
CA VAL A 23 1.98 28.93 33.80
C VAL A 23 3.06 28.86 32.72
N GLN A 24 4.13 29.63 32.90
CA GLN A 24 5.21 29.65 31.91
C GLN A 24 5.92 28.30 31.78
N ALA A 25 6.14 27.63 32.90
CA ALA A 25 6.78 26.32 32.90
C ALA A 25 5.89 25.32 32.20
N SER A 26 4.59 25.43 32.43
CA SER A 26 3.63 24.55 31.76
C SER A 26 3.60 24.78 30.25
N GLN A 27 3.71 26.04 29.84
CA GLN A 27 3.77 26.36 28.42
C GLN A 27 5.02 25.78 27.79
N GLN A 28 6.14 25.83 28.51
CA GLN A 28 7.39 25.26 28.03
C GLN A 28 7.26 23.76 27.81
N ARG A 29 6.64 23.08 28.77
CA ARG A 29 6.42 21.63 28.61
C ARG A 29 5.55 21.31 27.38
N MET A 30 4.52 22.11 27.16
CA MET A 30 3.58 21.88 26.06
C MET A 30 4.21 22.22 24.71
N GLU A 31 4.99 23.31 24.65
CA GLU A 31 5.74 23.65 23.44
C GLU A 31 6.66 22.51 23.01
N GLU A 32 7.33 21.90 23.98
CA GLU A 32 8.21 20.76 23.69
C GLU A 32 7.43 19.57 23.15
N ARG A 33 6.25 19.34 23.71
CA ARG A 33 5.42 18.23 23.23
C ARG A 33 4.89 18.50 21.83
N GLN A 34 4.53 19.76 21.55
CA GLN A 34 4.06 20.12 20.22
C GLN A 34 5.16 19.96 19.17
N GLN A 35 6.38 20.34 19.52
CA GLN A 35 7.51 20.18 18.62
C GLN A 35 7.76 18.72 18.29
N GLN A 36 7.70 17.88 19.31
CA GLN A 36 8.00 16.46 19.12
C GLN A 36 6.91 15.82 18.29
N LEU A 37 5.67 16.24 18.55
CA LEU A 37 4.53 15.70 17.81
C LEU A 37 4.61 16.12 16.35
N GLU A 38 5.00 17.37 16.08
CA GLU A 38 5.14 17.83 14.70
C GLU A 38 6.16 16.97 13.96
N GLY A 39 7.28 16.71 14.64
CA GLY A 39 8.32 15.86 14.09
C GLY A 39 7.83 14.46 13.80
N SER A 40 6.98 13.92 14.67
CA SER A 40 6.46 12.56 14.46
C SER A 40 5.53 12.53 13.27
N VAL A 41 4.69 13.56 13.16
CA VAL A 41 3.73 13.67 12.07
C VAL A 41 4.45 13.80 10.73
N SER A 42 5.47 14.64 10.70
CA SER A 42 6.29 14.83 9.50
C SER A 42 6.88 13.50 9.04
N ALA A 43 7.37 12.70 9.98
CA ALA A 43 7.97 11.41 9.64
C ALA A 43 6.93 10.43 9.14
N VAL A 44 5.76 10.42 9.78
CA VAL A 44 4.70 9.51 9.32
C VAL A 44 4.24 9.89 7.92
N GLN A 45 4.13 11.19 7.65
CA GLN A 45 3.78 11.67 6.31
C GLN A 45 4.76 11.14 5.29
N SER A 46 6.05 11.26 5.60
CA SER A 46 7.10 10.81 4.71
CA SER A 46 7.11 10.80 4.72
C SER A 46 7.00 9.31 4.43
N GLU A 47 6.73 8.52 5.48
CA GLU A 47 6.71 7.07 5.34
C GLU A 47 5.46 6.62 4.63
N LEU A 48 4.37 7.37 4.83
CA LEU A 48 3.11 7.06 4.16
C LEU A 48 3.27 7.28 2.66
N LEU A 49 3.89 8.39 2.28
CA LEU A 49 4.15 8.66 0.86
C LEU A 49 5.05 7.57 0.27
N LYS A 50 6.06 7.13 1.03
CA LYS A 50 6.96 6.09 0.53
C LYS A 50 6.22 4.77 0.30
N LEU A 51 5.39 4.38 1.27
CA LEU A 51 4.61 3.15 1.10
C LEU A 51 3.64 3.26 -0.06
N ALA A 52 3.10 4.46 -0.28
CA ALA A 52 2.20 4.69 -1.41
C ALA A 52 2.94 4.48 -2.74
N ARG A 53 4.19 4.96 -2.80
CA ARG A 53 5.02 4.76 -3.99
C ARG A 53 5.34 3.28 -4.19
N ASP A 54 5.72 2.60 -3.11
CA ASP A 54 6.04 1.17 -3.20
C ASP A 54 4.82 0.36 -3.63
N HIS A 55 3.68 0.62 -3.01
CA HIS A 55 2.47 -0.07 -3.42
C HIS A 55 2.08 0.25 -4.87
N GLY A 56 2.33 1.48 -5.31
CA GLY A 56 2.11 1.87 -6.69
C GLY A 56 2.89 0.98 -7.66
N ALA A 57 4.14 0.69 -7.33
CA ALA A 57 4.96 -0.17 -8.18
C ALA A 57 4.40 -1.59 -8.25
N THR A 58 4.00 -2.13 -7.09
CA THR A 58 3.40 -3.45 -7.03
C THR A 58 2.12 -3.51 -7.86
N ALA A 59 1.25 -2.52 -7.67
CA ALA A 59 -0.02 -2.48 -8.39
C ALA A 59 0.19 -2.41 -9.89
N THR A 60 1.22 -1.69 -10.31
CA THR A 60 1.55 -1.57 -11.73
C THR A 60 1.99 -2.92 -12.31
N THR A 61 2.77 -3.67 -11.52
CA THR A 61 3.18 -5.01 -11.92
C THR A 61 1.98 -5.97 -11.99
N VAL A 62 1.08 -5.84 -11.03
CA VAL A 62 -0.12 -6.67 -10.99
C VAL A 62 -0.98 -6.48 -12.23
N ASP A 63 -1.16 -5.22 -12.64
CA ASP A 63 -1.90 -4.98 -13.88
C ASP A 63 -1.22 -5.64 -15.09
N LYS A 64 0.11 -5.59 -15.15
CA LYS A 64 0.84 -6.30 -16.21
C LYS A 64 0.58 -7.80 -16.14
N LEU A 65 0.62 -8.34 -14.93
CA LEU A 65 0.36 -9.76 -14.73
C LEU A 65 -1.05 -10.13 -15.19
N LEU A 66 -1.99 -9.20 -15.04
CA LEU A 66 -3.35 -9.43 -15.51
C LEU A 66 -3.37 -9.54 -17.03
N GLN A 67 -2.74 -8.57 -17.70
CA GLN A 67 -2.63 -8.57 -19.16
C GLN A 67 -2.00 -9.87 -19.63
N LYS A 68 -0.89 -10.22 -18.99
CA LYS A 68 -0.13 -11.43 -19.32
C LYS A 68 -0.97 -12.69 -19.18
N ALA A 69 -1.74 -12.77 -18.10
CA ALA A 69 -2.58 -13.95 -17.85
C ALA A 69 -3.65 -14.11 -18.94
N ARG A 70 -4.27 -13.01 -19.33
CA ARG A 70 -5.26 -13.04 -20.41
C ARG A 70 -4.63 -13.53 -21.71
N ARG A 71 -3.41 -13.08 -21.96
CA ARG A 71 -2.70 -13.38 -23.20
C ARG A 71 -2.27 -14.84 -23.27
N VAL A 72 -1.73 -15.35 -22.17
CA VAL A 72 -1.34 -16.76 -22.08
C VAL A 72 -2.55 -17.68 -22.25
N SER A 73 -3.66 -17.34 -21.60
CA SER A 73 -4.90 -18.10 -21.77
C SER A 73 -5.27 -18.22 -23.24
N THR A 74 -5.18 -17.10 -23.95
CA THR A 74 -5.49 -17.05 -25.38
C THR A 74 -4.55 -17.95 -26.19
N HIS A 75 -3.28 -17.97 -25.80
CA HIS A 75 -2.30 -18.85 -26.44
C HIS A 75 -2.58 -20.32 -26.16
N VAL A 76 -2.91 -20.65 -24.91
CA VAL A 76 -3.23 -22.04 -24.58
C VAL A 76 -4.44 -22.54 -25.36
N LYS A 77 -5.47 -21.69 -25.46
CA LYS A 77 -6.65 -22.04 -26.26
C LYS A 77 -6.28 -22.33 -27.73
N GLU A 78 -5.39 -21.51 -28.29
CA GLU A 78 -4.97 -21.67 -29.69
C GLU A 78 -4.21 -22.97 -29.92
N VAL A 79 -3.29 -23.30 -29.00
CA VAL A 79 -2.53 -24.54 -29.09
C VAL A 79 -3.46 -25.74 -29.00
N ARG A 80 -4.41 -25.68 -28.07
CA ARG A 80 -5.38 -26.74 -27.89
C ARG A 80 -6.14 -26.97 -29.21
N SER A 81 -6.48 -25.86 -29.86
CA SER A 81 -7.22 -25.91 -31.12
C SER A 81 -6.40 -26.59 -32.20
N ARG A 82 -5.11 -26.28 -32.27
CA ARG A 82 -4.20 -26.90 -33.23
C ARG A 82 -4.04 -28.41 -33.00
N VAL A 83 -4.00 -28.82 -31.74
CA VAL A 83 -3.87 -30.23 -31.38
C VAL A 83 -5.11 -31.02 -31.80
N GLU A 84 -6.29 -30.44 -31.60
CA GLU A 84 -7.52 -31.09 -32.05
C GLU A 84 -7.60 -31.21 -33.57
N LYS A 85 -7.13 -30.19 -34.29
CA LYS A 85 -7.09 -30.24 -35.74
C LYS A 85 -6.13 -31.33 -36.20
N GLN A 86 -4.97 -31.42 -35.56
CA GLN A 86 -4.02 -32.49 -35.90
C GLN A 86 -4.64 -33.85 -35.65
N ASN A 87 -5.42 -33.97 -34.57
CA ASN A 87 -6.08 -35.25 -34.27
C ASN A 87 -6.98 -35.71 -35.41
N VAL A 88 -7.74 -34.78 -35.99
CA VAL A 88 -8.60 -35.12 -37.11
C VAL A 88 -7.75 -35.68 -38.26
N ARG A 89 -6.62 -35.02 -38.51
CA ARG A 89 -5.69 -35.42 -39.55
C ARG A 89 -5.00 -36.76 -39.27
N VAL A 90 -4.64 -36.99 -38.01
CA VAL A 90 -4.02 -38.26 -37.64
C VAL A 90 -5.02 -39.41 -37.81
N LYS A 91 -6.27 -39.17 -37.42
CA LYS A 91 -7.29 -40.21 -37.54
C LYS A 91 -7.54 -40.56 -39.00
N LYS A 92 -7.52 -39.55 -39.87
CA LYS A 92 -7.65 -39.77 -41.31
C LYS A 92 -6.57 -40.74 -41.80
N VAL A 93 -5.33 -40.51 -41.36
CA VAL A 93 -4.23 -41.37 -41.77
C VAL A 93 -4.29 -42.76 -41.13
N GLU A 94 -4.59 -42.79 -39.83
CA GLU A 94 -4.74 -44.04 -39.09
C GLU A 94 -5.77 -44.98 -39.72
N THR A 95 -6.97 -44.45 -39.97
CA THR A 95 -8.06 -45.28 -40.45
C THR A 95 -7.79 -45.78 -41.87
N THR A 96 -7.09 -44.96 -42.65
CA THR A 96 -6.75 -45.38 -44.00
C THR A 96 -5.73 -46.52 -43.95
N GLN A 97 -4.78 -46.44 -43.03
CA GLN A 97 -3.83 -47.53 -42.83
C GLN A 97 -4.51 -48.82 -42.40
N ASP A 98 -5.51 -48.69 -41.52
CA ASP A 98 -6.33 -49.83 -41.12
C ASP A 98 -6.88 -50.51 -42.36
N GLU A 99 -7.40 -49.71 -43.29
CA GLU A 99 -8.03 -50.24 -44.50
C GLU A 99 -7.05 -51.02 -45.37
N LEU A 100 -5.86 -50.45 -45.55
CA LEU A 100 -4.86 -51.03 -46.44
C LEU A 100 -4.27 -52.29 -45.82
N LEU A 101 -3.96 -52.21 -44.52
CA LEU A 101 -3.40 -53.36 -43.78
C LEU A 101 -4.33 -54.57 -43.78
N THR A 102 -5.62 -54.34 -43.63
CA THR A 102 -6.59 -55.44 -43.63
C THR A 102 -6.68 -56.07 -45.02
N ARG A 103 -6.58 -55.25 -46.06
CA ARG A 103 -6.54 -55.74 -47.43
C ARG A 103 -5.35 -56.65 -47.70
N SER B 5 -3.95 56.06 43.95
CA SER B 5 -4.29 55.26 42.77
C SER B 5 -4.12 53.76 43.03
N ALA B 6 -4.23 53.38 44.29
CA ALA B 6 -4.14 51.97 44.65
C ALA B 6 -5.23 51.14 43.96
N LEU B 7 -6.43 51.71 43.81
CA LEU B 7 -7.51 50.96 43.18
C LEU B 7 -7.26 50.77 41.70
N SER B 8 -6.64 51.75 41.05
CA SER B 8 -6.32 51.58 39.63
C SER B 8 -5.26 50.49 39.49
N ILE B 9 -4.37 50.39 40.46
CA ILE B 9 -3.37 49.31 40.46
C ILE B 9 -4.04 47.94 40.64
N LEU B 10 -4.97 47.85 41.58
CA LEU B 10 -5.68 46.60 41.81
C LEU B 10 -6.58 46.23 40.64
N SER B 11 -7.12 47.23 39.96
CA SER B 11 -7.93 46.96 38.78
C SER B 11 -7.08 46.29 37.70
N LEU B 12 -5.87 46.81 37.51
CA LEU B 12 -4.96 46.20 36.54
C LEU B 12 -4.63 44.77 36.95
N LEU B 13 -4.40 44.54 38.23
CA LEU B 13 -4.12 43.18 38.71
C LEU B 13 -5.31 42.23 38.59
N GLU B 14 -6.52 42.75 38.78
CA GLU B 14 -7.73 41.96 38.53
C GLU B 14 -7.79 41.53 37.07
N ARG B 15 -7.42 42.44 36.16
CA ARG B 15 -7.44 42.12 34.73
C ARG B 15 -6.37 41.07 34.41
N VAL B 16 -5.20 41.22 35.01
CA VAL B 16 -4.13 40.22 34.86
C VAL B 16 -4.62 38.86 35.34
N SER B 17 -5.31 38.84 36.47
CA SER B 17 -5.89 37.61 37.00
C SER B 17 -6.92 36.96 36.06
N THR B 18 -7.76 37.77 35.41
CA THR B 18 -8.73 37.25 34.44
C THR B 18 -8.01 36.63 33.24
N ILE B 19 -6.93 37.28 32.80
CA ILE B 19 -6.15 36.75 31.69
C ILE B 19 -5.50 35.43 32.09
N ILE B 20 -4.97 35.36 33.30
CA ILE B 20 -4.38 34.12 33.81
C ILE B 20 -5.42 32.99 33.84
N ASP B 21 -6.62 33.28 34.32
CA ASP B 21 -7.71 32.28 34.31
C ASP B 21 -7.95 31.75 32.92
N GLY B 22 -8.00 32.65 31.94
CA GLY B 22 -8.26 32.24 30.56
C GLY B 22 -7.13 31.40 29.99
N VAL B 23 -5.89 31.77 30.30
CA VAL B 23 -4.74 30.99 29.84
C VAL B 23 -4.75 29.61 30.47
N GLN B 24 -5.06 29.55 31.76
CA GLN B 24 -5.04 28.28 32.47
C GLN B 24 -6.14 27.33 31.99
N ALA B 25 -7.32 27.87 31.72
CA ALA B 25 -8.39 27.07 31.10
C ALA B 25 -7.92 26.51 29.75
N SER B 26 -7.31 27.36 28.94
CA SER B 26 -6.80 26.93 27.64
C SER B 26 -5.72 25.88 27.80
N GLN B 27 -4.86 26.02 28.81
CA GLN B 27 -3.80 25.03 29.02
C GLN B 27 -4.35 23.66 29.37
N GLN B 28 -5.44 23.63 30.14
CA GLN B 28 -6.06 22.37 30.52
C GLN B 28 -6.65 21.68 29.30
N ARG B 29 -7.39 22.44 28.48
CA ARG B 29 -7.96 21.88 27.25
C ARG B 29 -6.86 21.43 26.29
N MET B 30 -5.78 22.20 26.23
CA MET B 30 -4.64 21.88 25.38
C MET B 30 -3.96 20.59 25.82
N GLU B 31 -3.86 20.38 27.13
CA GLU B 31 -3.26 19.14 27.66
C GLU B 31 -4.12 17.92 27.33
N GLU B 32 -5.44 18.07 27.45
CA GLU B 32 -6.36 16.99 27.10
C GLU B 32 -6.24 16.65 25.62
N ARG B 33 -6.26 17.67 24.77
CA ARG B 33 -6.19 17.44 23.32
C ARG B 33 -4.83 16.90 22.92
N GLN B 34 -3.77 17.39 23.55
CA GLN B 34 -2.43 16.93 23.21
C GLN B 34 -2.26 15.44 23.46
N GLN B 35 -2.80 14.95 24.58
CA GLN B 35 -2.69 13.54 24.91
C GLN B 35 -3.46 12.70 23.88
N GLN B 36 -4.62 13.20 23.46
CA GLN B 36 -5.41 12.55 22.42
C GLN B 36 -4.68 12.51 21.09
N LEU B 37 -4.08 13.63 20.70
CA LEU B 37 -3.34 13.69 19.43
C LEU B 37 -2.12 12.77 19.45
N GLU B 38 -1.41 12.75 20.58
CA GLU B 38 -0.26 11.85 20.72
C GLU B 38 -0.69 10.39 20.60
N GLY B 39 -1.85 10.05 21.17
CA GLY B 39 -2.38 8.70 21.04
C GLY B 39 -2.76 8.39 19.61
N SER B 40 -3.38 9.37 18.94
CA SER B 40 -3.76 9.20 17.54
C SER B 40 -2.55 9.01 16.62
N VAL B 41 -1.49 9.79 16.87
CA VAL B 41 -0.28 9.62 16.07
C VAL B 41 0.37 8.25 16.33
N SER B 42 0.35 7.79 17.58
CA SER B 42 0.91 6.48 17.91
CA SER B 42 0.92 6.49 17.89
C SER B 42 0.17 5.38 17.16
N ALA B 43 -1.15 5.55 17.02
CA ALA B 43 -1.98 4.56 16.32
C ALA B 43 -1.70 4.58 14.84
N VAL B 44 -1.52 5.78 14.29
CA VAL B 44 -1.15 5.89 12.90
C VAL B 44 0.18 5.19 12.62
N GLN B 45 1.17 5.42 13.48
CA GLN B 45 2.50 4.83 13.30
C GLN B 45 2.39 3.31 13.29
N SER B 46 1.62 2.76 14.22
CA SER B 46 1.46 1.31 14.33
C SER B 46 0.73 0.69 13.13
N GLU B 47 -0.30 1.38 12.67
CA GLU B 47 -1.09 0.86 11.56
C GLU B 47 -0.36 0.99 10.23
N LEU B 48 0.45 2.05 10.11
CA LEU B 48 1.27 2.26 8.92
C LEU B 48 2.27 1.13 8.82
N LEU B 49 2.92 0.83 9.95
CA LEU B 49 3.90 -0.27 9.95
C LEU B 49 3.26 -1.62 9.60
N LYS B 50 2.06 -1.85 10.12
CA LYS B 50 1.36 -3.08 9.80
C LYS B 50 1.04 -3.15 8.32
N LEU B 51 0.58 -2.05 7.74
CA LEU B 51 0.28 -2.02 6.32
C LEU B 51 1.53 -2.26 5.47
N ALA B 52 2.66 -1.71 5.91
CA ALA B 52 3.95 -1.94 5.27
C ALA B 52 4.33 -3.43 5.31
N ARG B 53 4.08 -4.11 6.42
CA ARG B 53 4.45 -5.54 6.46
C ARG B 53 3.52 -6.32 5.55
N ASP B 54 2.24 -5.94 5.56
CA ASP B 54 1.26 -6.61 4.70
C ASP B 54 1.61 -6.46 3.22
N HIS B 55 2.03 -5.25 2.84
CA HIS B 55 2.43 -5.01 1.46
C HIS B 55 3.70 -5.79 1.11
N GLY B 56 4.60 -5.94 2.07
CA GLY B 56 5.82 -6.71 1.86
C GLY B 56 5.47 -8.12 1.42
N ALA B 57 4.47 -8.70 2.08
CA ALA B 57 4.04 -10.06 1.74
C ALA B 57 3.40 -10.09 0.35
N THR B 58 2.57 -9.08 0.05
CA THR B 58 1.98 -9.02 -1.28
C THR B 58 3.04 -8.91 -2.39
N ALA B 59 4.03 -8.05 -2.16
CA ALA B 59 5.10 -7.84 -3.12
C ALA B 59 5.91 -9.11 -3.38
N THR B 60 6.09 -9.93 -2.35
CA THR B 60 6.79 -11.20 -2.48
C THR B 60 5.99 -12.17 -3.36
N THR B 61 4.68 -12.24 -3.09
CA THR B 61 3.81 -13.11 -3.89
C THR B 61 3.82 -12.68 -5.35
N VAL B 62 3.86 -11.37 -5.58
CA VAL B 62 3.89 -10.85 -6.95
C VAL B 62 5.17 -11.26 -7.66
N ASP B 63 6.30 -11.19 -6.95
CA ASP B 63 7.56 -11.62 -7.54
C ASP B 63 7.50 -13.11 -7.93
N LYS B 64 6.79 -13.90 -7.13
CA LYS B 64 6.61 -15.31 -7.46
C LYS B 64 5.69 -15.50 -8.66
N LEU B 65 4.64 -14.69 -8.75
CA LEU B 65 3.75 -14.73 -9.91
C LEU B 65 4.51 -14.38 -11.19
N LEU B 66 5.50 -13.49 -11.08
CA LEU B 66 6.31 -13.10 -12.23
C LEU B 66 7.15 -14.26 -12.76
N GLN B 67 7.72 -15.05 -11.85
CA GLN B 67 8.52 -16.20 -12.24
C GLN B 67 7.65 -17.32 -12.78
N LYS B 68 6.49 -17.50 -12.16
CA LYS B 68 5.52 -18.46 -12.68
C LYS B 68 5.12 -18.10 -14.10
N ALA B 69 4.90 -16.81 -14.35
CA ALA B 69 4.52 -16.32 -15.66
C ALA B 69 5.61 -16.62 -16.69
N ARG B 70 6.86 -16.42 -16.29
CA ARG B 70 8.00 -16.70 -17.16
C ARG B 70 8.10 -18.19 -17.45
N ARG B 71 7.95 -19.00 -16.40
CA ARG B 71 7.99 -20.45 -16.55
C ARG B 71 6.93 -20.95 -17.53
N VAL B 72 5.67 -20.59 -17.28
CA VAL B 72 4.58 -21.08 -18.11
C VAL B 72 4.74 -20.63 -19.57
N SER B 73 5.23 -19.41 -19.75
CA SER B 73 5.48 -18.89 -21.09
CA SER B 73 5.48 -18.89 -21.09
C SER B 73 6.49 -19.78 -21.82
N THR B 74 7.55 -20.20 -21.12
CA THR B 74 8.55 -21.11 -21.68
C THR B 74 7.96 -22.48 -22.05
N HIS B 75 7.05 -22.97 -21.21
CA HIS B 75 6.41 -24.27 -21.49
C HIS B 75 5.49 -24.22 -22.69
N VAL B 76 4.73 -23.13 -22.81
CA VAL B 76 3.84 -22.94 -23.95
C VAL B 76 4.66 -22.91 -25.25
N LYS B 77 5.80 -22.24 -25.22
CA LYS B 77 6.64 -22.19 -26.42
C LYS B 77 7.23 -23.54 -26.79
N GLU B 78 7.57 -24.35 -25.78
CA GLU B 78 8.07 -25.70 -26.05
C GLU B 78 6.96 -26.57 -26.63
N VAL B 79 5.76 -26.51 -26.05
CA VAL B 79 4.64 -27.30 -26.54
C VAL B 79 4.28 -26.93 -27.97
N ARG B 80 4.25 -25.64 -28.25
CA ARG B 80 3.95 -25.19 -29.62
C ARG B 80 5.02 -25.66 -30.61
N SER B 81 6.26 -25.72 -30.16
CA SER B 81 7.36 -26.20 -30.97
C SER B 81 7.13 -27.65 -31.38
N ARG B 82 6.64 -28.46 -30.45
CA ARG B 82 6.37 -29.86 -30.71
C ARG B 82 5.16 -29.99 -31.61
N VAL B 83 4.15 -29.14 -31.39
CA VAL B 83 2.98 -29.19 -32.27
C VAL B 83 3.40 -28.89 -33.70
N GLU B 84 4.32 -27.93 -33.87
CA GLU B 84 4.76 -27.59 -35.22
C GLU B 84 5.57 -28.73 -35.85
N LYS B 85 6.38 -29.43 -35.07
CA LYS B 85 7.15 -30.56 -35.62
C LYS B 85 6.21 -31.70 -35.98
N GLN B 86 5.21 -31.92 -35.14
CA GLN B 86 4.25 -32.98 -35.43
C GLN B 86 3.46 -32.69 -36.69
N ASN B 87 3.12 -31.42 -36.91
CA ASN B 87 2.43 -31.01 -38.13
C ASN B 87 3.23 -31.44 -39.37
N VAL B 88 4.53 -31.20 -39.34
CA VAL B 88 5.40 -31.63 -40.44
C VAL B 88 5.43 -33.15 -40.58
N ARG B 89 5.49 -33.86 -39.46
CA ARG B 89 5.50 -35.33 -39.50
C ARG B 89 4.20 -35.89 -40.04
N VAL B 90 3.09 -35.28 -39.67
CA VAL B 90 1.78 -35.71 -40.16
C VAL B 90 1.64 -35.43 -41.65
N LYS B 91 2.07 -34.24 -42.08
CA LYS B 91 2.01 -33.87 -43.50
C LYS B 91 2.79 -34.90 -44.32
N LYS B 92 3.94 -35.30 -43.78
CA LYS B 92 4.83 -36.27 -44.41
C LYS B 92 4.10 -37.58 -44.70
N VAL B 93 3.41 -38.09 -43.69
CA VAL B 93 2.71 -39.35 -43.84
C VAL B 93 1.47 -39.18 -44.74
N GLU B 94 0.76 -38.06 -44.58
CA GLU B 94 -0.41 -37.74 -45.39
C GLU B 94 -0.08 -37.69 -46.87
N THR B 95 0.98 -36.96 -47.22
CA THR B 95 1.32 -36.74 -48.62
C THR B 95 1.68 -38.08 -49.26
N THR B 96 2.41 -38.91 -48.52
CA THR B 96 2.82 -40.21 -49.03
C THR B 96 1.64 -41.17 -49.20
N GLN B 97 0.71 -41.14 -48.26
CA GLN B 97 -0.48 -41.99 -48.37
C GLN B 97 -1.28 -41.59 -49.60
N ASP B 98 -1.39 -40.29 -49.83
CA ASP B 98 -2.10 -39.80 -51.02
C ASP B 98 -1.39 -40.26 -52.30
N GLU B 99 -0.06 -40.21 -52.28
CA GLU B 99 0.76 -40.70 -53.38
C GLU B 99 0.46 -42.17 -53.67
N LEU B 100 0.37 -42.97 -52.60
CA LEU B 100 0.16 -44.40 -52.75
C LEU B 100 -1.23 -44.71 -53.30
N LEU B 101 -2.20 -43.85 -53.02
CA LEU B 101 -3.58 -44.05 -53.45
C LEU B 101 -3.81 -43.52 -54.86
N THR B 102 -2.76 -42.95 -55.44
CA THR B 102 -2.80 -42.49 -56.83
C THR B 102 -2.62 -43.63 -57.84
N ARG B 103 -3.27 -43.46 -59.00
CA ARG B 103 -3.06 -44.22 -60.26
C ARG B 103 -4.21 -45.13 -60.67
N SER C 5 7.96 54.05 47.65
CA SER C 5 8.08 52.80 46.91
C SER C 5 6.98 52.66 45.87
N ALA C 6 6.28 53.76 45.59
CA ALA C 6 5.29 53.77 44.52
C ALA C 6 5.94 53.41 43.19
N LEU C 7 7.13 53.95 42.94
CA LEU C 7 7.83 53.70 41.68
C LEU C 7 8.11 52.21 41.50
N SER C 8 8.51 51.55 42.58
CA SER C 8 8.87 50.13 42.49
C SER C 8 7.64 49.27 42.22
N ILE C 9 6.50 49.70 42.74
CA ILE C 9 5.24 49.03 42.47
C ILE C 9 4.83 49.23 41.02
N LEU C 10 4.92 50.47 40.55
CA LEU C 10 4.57 50.76 39.16
C LEU C 10 5.48 50.03 38.17
N SER C 11 6.76 49.98 38.49
CA SER C 11 7.72 49.24 37.68
C SER C 11 7.38 47.76 37.62
N LEU C 12 7.04 47.19 38.78
CA LEU C 12 6.75 45.76 38.84
C LEU C 12 5.45 45.44 38.11
N LEU C 13 4.46 46.31 38.30
CA LEU C 13 3.17 46.17 37.60
C LEU C 13 3.39 46.16 36.11
N GLU C 14 4.27 47.06 35.66
CA GLU C 14 4.58 47.16 34.24
C GLU C 14 5.20 45.89 33.71
N ARG C 15 6.15 45.33 34.46
CA ARG C 15 6.78 44.07 34.06
C ARG C 15 5.76 42.94 34.04
N VAL C 16 4.84 42.92 35.01
CA VAL C 16 3.86 41.83 35.08
C VAL C 16 2.86 41.89 33.92
N SER C 17 2.33 43.09 33.70
CA SER C 17 1.42 43.36 32.59
C SER C 17 2.07 42.96 31.27
N THR C 18 3.31 43.38 31.08
CA THR C 18 4.10 43.01 29.90
C THR C 18 4.26 41.51 29.73
N ILE C 19 4.66 40.84 30.80
CA ILE C 19 4.86 39.40 30.77
C ILE C 19 3.55 38.62 30.49
N ILE C 20 2.45 38.98 31.15
CA ILE C 20 1.20 38.24 30.93
C ILE C 20 0.62 38.43 29.50
N ASP C 21 0.81 39.62 28.95
CA ASP C 21 0.37 39.92 27.59
C ASP C 21 1.13 39.03 26.61
N GLY C 22 2.41 38.82 26.88
CA GLY C 22 3.21 37.91 26.07
C GLY C 22 2.78 36.46 26.22
N VAL C 23 2.52 36.06 27.47
CA VAL C 23 2.04 34.70 27.77
C VAL C 23 0.72 34.42 27.06
N GLN C 24 -0.17 35.40 27.09
CA GLN C 24 -1.47 35.27 26.43
C GLN C 24 -1.28 35.08 24.92
N ALA C 25 -0.43 35.92 24.33
CA ALA C 25 -0.14 35.86 22.90
C ALA C 25 0.47 34.52 22.54
N SER C 26 1.38 34.04 23.37
CA SER C 26 1.97 32.72 23.16
C SER C 26 0.95 31.58 23.24
N GLN C 27 0.04 31.66 24.20
CA GLN C 27 -1.00 30.63 24.35
C GLN C 27 -1.88 30.58 23.11
N GLN C 28 -2.20 31.76 22.58
CA GLN C 28 -2.98 31.82 21.35
C GLN C 28 -2.26 31.14 20.19
N ARG C 29 -0.95 31.37 20.09
CA ARG C 29 -0.16 30.74 19.03
C ARG C 29 -0.11 29.22 19.17
N MET C 30 -0.07 28.78 20.41
CA MET C 30 -0.05 27.35 20.72
C MET C 30 -1.39 26.66 20.40
N GLU C 31 -2.47 27.36 20.67
CA GLU C 31 -3.81 26.93 20.29
C GLU C 31 -3.92 26.74 18.82
N GLU C 32 -3.35 27.68 18.09
CA GLU C 32 -3.36 27.66 16.67
C GLU C 32 -2.51 26.52 16.15
N ARG C 33 -1.33 26.36 16.71
CA ARG C 33 -0.44 25.29 16.31
C ARG C 33 -1.08 23.92 16.55
N GLN C 34 -1.75 23.76 17.66
CA GLN C 34 -2.36 22.46 17.95
C GLN C 34 -3.52 22.14 17.03
N GLN C 35 -4.30 23.14 16.65
CA GLN C 35 -5.41 22.90 15.73
C GLN C 35 -4.90 22.57 14.33
N GLN C 36 -3.78 23.18 13.94
CA GLN C 36 -3.10 22.84 12.67
C GLN C 36 -2.60 21.41 12.75
N LEU C 37 -2.14 21.02 13.94
CA LEU C 37 -1.66 19.66 14.15
C LEU C 37 -2.81 18.65 14.06
N GLU C 38 -3.96 18.98 14.63
CA GLU C 38 -5.14 18.12 14.53
C GLU C 38 -5.53 17.90 13.08
N GLY C 39 -5.45 18.96 12.29
CA GLY C 39 -5.78 18.86 10.88
C GLY C 39 -4.83 17.93 10.15
N SER C 40 -3.53 18.06 10.41
CA SER C 40 -2.53 17.20 9.78
C SER C 40 -2.69 15.74 10.17
N VAL C 41 -2.97 15.50 11.45
CA VAL C 41 -3.21 14.13 11.92
C VAL C 41 -4.45 13.53 11.26
N SER C 42 -5.53 14.31 11.19
CA SER C 42 -6.74 13.85 10.52
C SER C 42 -6.45 13.49 9.07
N ALA C 43 -5.57 14.26 8.43
CA ALA C 43 -5.23 14.03 7.03
C ALA C 43 -4.43 12.74 6.85
N VAL C 44 -3.45 12.49 7.73
CA VAL C 44 -2.68 11.25 7.65
CA VAL C 44 -2.68 11.25 7.61
C VAL C 44 -3.54 10.03 7.94
N GLN C 45 -4.44 10.15 8.91
CA GLN C 45 -5.36 9.06 9.22
C GLN C 45 -6.16 8.68 7.99
N SER C 46 -6.69 9.70 7.32
CA SER C 46 -7.51 9.51 6.14
C SER C 46 -6.73 8.87 5.00
N GLU C 47 -5.52 9.37 4.78
CA GLU C 47 -4.69 8.85 3.68
C GLU C 47 -4.23 7.44 3.96
N LEU C 48 -3.94 7.13 5.22
CA LEU C 48 -3.58 5.76 5.58
C LEU C 48 -4.72 4.78 5.29
N LEU C 49 -5.94 5.14 5.66
CA LEU C 49 -7.08 4.28 5.40
C LEU C 49 -7.33 4.09 3.90
N LYS C 50 -7.08 5.14 3.12
CA LYS C 50 -7.27 5.04 1.68
C LYS C 50 -6.23 4.08 1.09
N LEU C 51 -4.99 4.20 1.55
CA LEU C 51 -3.91 3.32 1.07
C LEU C 51 -4.19 1.88 1.46
N ALA C 52 -4.73 1.70 2.66
CA ALA C 52 -5.09 0.37 3.15
C ALA C 52 -6.12 -0.27 2.24
N ARG C 53 -7.11 0.52 1.83
CA ARG C 53 -8.14 0.04 0.91
C ARG C 53 -7.53 -0.30 -0.43
N ASP C 54 -6.65 0.57 -0.93
CA ASP C 54 -6.00 0.35 -2.21
C ASP C 54 -5.19 -0.94 -2.16
N HIS C 55 -4.40 -1.12 -1.12
CA HIS C 55 -3.64 -2.36 -1.00
C HIS C 55 -4.55 -3.57 -0.94
N GLY C 56 -5.66 -3.47 -0.20
CA GLY C 56 -6.60 -4.59 -0.10
C GLY C 56 -7.14 -5.01 -1.45
N ALA C 57 -7.39 -4.03 -2.31
CA ALA C 57 -7.84 -4.32 -3.67
C ALA C 57 -6.77 -5.07 -4.46
N THR C 58 -5.52 -4.62 -4.32
CA THR C 58 -4.39 -5.25 -4.97
C THR C 58 -4.20 -6.68 -4.48
N ALA C 59 -4.31 -6.87 -3.17
CA ALA C 59 -4.15 -8.21 -2.59
C ALA C 59 -5.26 -9.13 -3.09
N THR C 60 -6.47 -8.58 -3.21
CA THR C 60 -7.59 -9.35 -3.76
C THR C 60 -7.30 -9.82 -5.19
N THR C 61 -6.77 -8.91 -6.00
CA THR C 61 -6.42 -9.23 -7.39
C THR C 61 -5.29 -10.26 -7.45
N VAL C 62 -4.32 -10.12 -6.56
CA VAL C 62 -3.21 -11.06 -6.48
C VAL C 62 -3.69 -12.49 -6.19
N ASP C 63 -4.62 -12.65 -5.26
CA ASP C 63 -5.15 -13.99 -5.00
C ASP C 63 -5.81 -14.61 -6.22
N LYS C 64 -6.54 -13.81 -6.99
CA LYS C 64 -7.15 -14.28 -8.23
C LYS C 64 -6.08 -14.74 -9.21
N LEU C 65 -4.98 -13.99 -9.26
CA LEU C 65 -3.86 -14.35 -10.14
C LEU C 65 -3.26 -15.68 -9.72
N LEU C 66 -3.17 -15.91 -8.41
CA LEU C 66 -2.73 -17.21 -7.89
C LEU C 66 -3.65 -18.30 -8.41
N GLN C 67 -4.96 -18.07 -8.27
CA GLN C 67 -5.96 -19.05 -8.72
C GLN C 67 -5.81 -19.28 -10.22
N LYS C 68 -5.65 -18.20 -10.97
CA LYS C 68 -5.56 -18.31 -12.43
C LYS C 68 -4.28 -19.02 -12.85
N ALA C 69 -3.21 -18.79 -12.11
CA ALA C 69 -1.94 -19.45 -12.39
C ALA C 69 -2.06 -20.97 -12.22
N ARG C 70 -2.73 -21.42 -11.16
CA ARG C 70 -2.95 -22.85 -10.94
C ARG C 70 -3.74 -23.48 -12.09
N ARG C 71 -4.79 -22.80 -12.52
CA ARG C 71 -5.64 -23.32 -13.58
C ARG C 71 -4.85 -23.44 -14.89
N VAL C 72 -4.06 -22.42 -15.20
CA VAL C 72 -3.31 -22.39 -16.46
C VAL C 72 -2.24 -23.48 -16.48
N SER C 73 -1.52 -23.61 -15.36
CA SER C 73 -0.49 -24.65 -15.23
C SER C 73 -1.09 -26.05 -15.43
N THR C 74 -2.30 -26.27 -14.92
CA THR C 74 -3.00 -27.53 -15.13
C THR C 74 -3.37 -27.74 -16.60
N HIS C 75 -3.83 -26.66 -17.25
CA HIS C 75 -4.18 -26.73 -18.67
C HIS C 75 -2.97 -27.03 -19.54
N VAL C 76 -1.82 -26.46 -19.18
CA VAL C 76 -0.61 -26.66 -19.98
C VAL C 76 -0.09 -28.11 -19.87
N LYS C 77 -0.06 -28.64 -18.65
CA LYS C 77 0.28 -30.05 -18.46
C LYS C 77 -0.65 -30.97 -19.23
N GLU C 78 -1.94 -30.63 -19.24
CA GLU C 78 -2.93 -31.42 -19.99
C GLU C 78 -2.73 -31.35 -21.51
N VAL C 79 -2.42 -30.17 -22.03
CA VAL C 79 -2.16 -30.04 -23.46
C VAL C 79 -0.87 -30.79 -23.81
N ARG C 80 0.12 -30.68 -22.93
CA ARG C 80 1.38 -31.42 -23.11
C ARG C 80 1.12 -32.92 -23.22
N SER C 81 0.28 -33.43 -22.33
CA SER C 81 -0.06 -34.85 -22.31
C SER C 81 -0.70 -35.28 -23.63
N ARG C 82 -1.64 -34.48 -24.13
CA ARG C 82 -2.31 -34.77 -25.39
C ARG C 82 -1.30 -34.79 -26.54
N VAL C 83 -0.37 -33.86 -26.50
CA VAL C 83 0.65 -33.78 -27.55
C VAL C 83 1.53 -35.03 -27.53
N GLU C 84 1.92 -35.49 -26.35
CA GLU C 84 2.71 -36.72 -26.25
C GLU C 84 1.91 -37.93 -26.74
N LYS C 85 0.63 -37.99 -26.41
CA LYS C 85 -0.21 -39.09 -26.87
C LYS C 85 -0.32 -39.11 -28.39
N GLN C 86 -0.35 -37.92 -29.00
CA GLN C 86 -0.42 -37.85 -30.45
C GLN C 86 0.93 -38.23 -31.07
N ASN C 87 2.01 -37.87 -30.40
CA ASN C 87 3.35 -38.24 -30.81
C ASN C 87 3.44 -39.76 -31.00
N VAL C 88 2.93 -40.49 -30.02
CA VAL C 88 2.93 -41.95 -30.06
C VAL C 88 2.12 -42.47 -31.25
N ARG C 89 0.96 -41.88 -31.47
CA ARG C 89 0.11 -42.30 -32.58
C ARG C 89 0.73 -42.00 -33.92
N VAL C 90 1.39 -40.85 -34.02
CA VAL C 90 2.10 -40.48 -35.24
C VAL C 90 3.26 -41.44 -35.49
N LYS C 91 3.99 -41.82 -34.44
CA LYS C 91 5.11 -42.74 -34.61
C LYS C 91 4.63 -44.09 -35.13
N LYS C 92 3.49 -44.56 -34.65
CA LYS C 92 2.95 -45.84 -35.12
C LYS C 92 2.61 -45.78 -36.61
N VAL C 93 2.00 -44.67 -37.01
CA VAL C 93 1.64 -44.46 -38.39
C VAL C 93 2.89 -44.36 -39.30
N GLU C 94 3.91 -43.65 -38.84
CA GLU C 94 5.18 -43.53 -39.54
C GLU C 94 5.83 -44.89 -39.74
N THR C 95 5.88 -45.67 -38.66
CA THR C 95 6.49 -47.01 -38.66
C THR C 95 5.74 -47.93 -39.63
N THR C 96 4.41 -47.87 -39.60
CA THR C 96 3.59 -48.71 -40.44
C THR C 96 3.75 -48.37 -41.93
N GLN C 97 3.81 -47.08 -42.22
CA GLN C 97 4.00 -46.63 -43.59
C GLN C 97 5.37 -47.03 -44.14
N ASP C 98 6.41 -46.83 -43.34
CA ASP C 98 7.75 -47.29 -43.69
C ASP C 98 7.74 -48.78 -43.99
N GLU C 99 6.84 -49.52 -43.34
CA GLU C 99 6.73 -50.96 -43.51
C GLU C 99 5.82 -51.38 -44.67
N LEU C 100 4.68 -50.70 -44.81
CA LEU C 100 3.78 -50.91 -45.96
C LEU C 100 4.55 -50.79 -47.28
N LEU C 101 5.69 -50.08 -47.19
CA LEU C 101 6.75 -49.90 -48.21
C LEU C 101 7.01 -48.40 -48.43
CL CL D . 0.14 -45.29 -45.27
#